data_6QKT
#
_entry.id   6QKT
#
_cell.length_a   41.850
_cell.length_b   79.510
_cell.length_c   84.830
_cell.angle_alpha   90.00
_cell.angle_beta   102.84
_cell.angle_gamma   90.00
#
_symmetry.space_group_name_H-M   'P 1 21 1'
#
loop_
_entity.id
_entity.type
_entity.pdbx_description
1 polymer 'Fluoroacetate dehalogenase'
2 non-polymer 'GLYCOLIC ACID'
3 water water
#
_entity_poly.entity_id   1
_entity_poly.type   'polypeptide(L)'
_entity_poly.pdbx_seq_one_letter_code
;GHMPDLADLFPGFGSEWINTSSGRIFARVGGDGPPLLLLHGFPQTHVMWHRVAPKLAERFKVIVADLPGYGWSDMPESDE
QHTPYTKRAMAKQLIEAMEQLGHVHFALAGHDRGARVSYRLALDSPGRLSKLAVLDILPTYEYWQRMNRAYALKIYHWSF
LAQPAPLPENLLGGDPDFYVKAKLASWTRAGDLSAFDPRAVEHYRIAFADPMRRHVMCEDFRAGAYADFEHDKIDVEAGN
KIPVPMLALWGASGIAQSAATPLDVWRKWASDVQGAPIESGHFLPEEAPDQTAEALVRFFSAAPGS
;
_entity_poly.pdbx_strand_id   A,B
#
loop_
_chem_comp.id
_chem_comp.type
_chem_comp.name
_chem_comp.formula
GOA non-polymer 'GLYCOLIC ACID' 'C2 H4 O3'
#
# COMPACT_ATOMS: atom_id res chain seq x y z
N LEU A 6 -21.54 -11.27 -23.03
CA LEU A 6 -21.86 -10.50 -21.81
C LEU A 6 -23.35 -10.20 -21.76
N ALA A 7 -23.95 -10.38 -20.59
CA ALA A 7 -25.40 -10.26 -20.47
C ALA A 7 -25.91 -8.82 -20.56
N ASP A 8 -27.12 -8.67 -21.14
CA ASP A 8 -27.86 -7.43 -21.05
C ASP A 8 -28.62 -7.42 -19.72
N LEU A 9 -28.14 -6.62 -18.75
CA LEU A 9 -28.70 -6.58 -17.42
C LEU A 9 -29.68 -5.43 -17.22
N PHE A 10 -30.08 -4.75 -18.30
CA PHE A 10 -30.97 -3.60 -18.22
C PHE A 10 -32.12 -3.75 -19.21
N PRO A 11 -33.12 -4.56 -18.89
CA PRO A 11 -34.23 -4.78 -19.83
C PRO A 11 -34.85 -3.50 -20.32
N GLY A 12 -34.93 -3.37 -21.65
CA GLY A 12 -35.61 -2.25 -22.26
C GLY A 12 -34.84 -0.95 -22.29
N PHE A 13 -33.64 -0.89 -21.69
CA PHE A 13 -32.79 0.29 -21.80
C PHE A 13 -32.10 0.30 -23.16
N GLY A 14 -32.00 1.49 -23.75
CA GLY A 14 -31.16 1.66 -24.92
C GLY A 14 -29.70 1.71 -24.54
N SER A 15 -28.88 1.94 -25.57
CA SER A 15 -27.43 2.01 -25.44
C SER A 15 -26.97 3.18 -26.29
N GLU A 16 -26.15 4.09 -25.71
CA GLU A 16 -25.63 5.24 -26.42
C GLU A 16 -24.11 5.23 -26.29
N TRP A 17 -23.39 5.64 -27.34
CA TRP A 17 -21.97 5.96 -27.23
C TRP A 17 -21.93 7.45 -27.46
N ILE A 18 -21.65 8.21 -26.41
CA ILE A 18 -21.81 9.67 -26.43
C ILE A 18 -20.46 10.30 -26.70
N ASN A 19 -20.36 11.12 -27.74
CA ASN A 19 -19.09 11.78 -28.03
C ASN A 19 -18.81 12.93 -27.07
N THR A 20 -17.55 13.04 -26.64
CA THR A 20 -17.05 14.20 -25.93
C THR A 20 -15.66 14.52 -26.45
N SER A 21 -15.17 15.72 -26.13
CA SER A 21 -13.81 16.10 -26.52
C SER A 21 -12.76 15.14 -25.94
N SER A 22 -13.05 14.48 -24.83
CA SER A 22 -12.11 13.58 -24.21
C SER A 22 -12.27 12.12 -24.61
N GLY A 23 -13.28 11.79 -25.42
CA GLY A 23 -13.55 10.41 -25.79
C GLY A 23 -14.98 10.02 -25.52
N ARG A 24 -15.37 8.89 -26.11
CA ARG A 24 -16.76 8.48 -26.01
C ARG A 24 -17.09 7.95 -24.62
N ILE A 25 -18.30 8.24 -24.16
CA ILE A 25 -18.85 7.69 -22.93
C ILE A 25 -19.90 6.66 -23.33
N PHE A 26 -19.77 5.43 -22.85
CA PHE A 26 -20.85 4.46 -23.04
C PHE A 26 -21.90 4.57 -21.94
N ALA A 27 -23.17 4.47 -22.32
CA ALA A 27 -24.22 4.49 -21.31
C ALA A 27 -25.40 3.64 -21.74
N ARG A 28 -26.07 3.08 -20.73
CA ARG A 28 -27.42 2.53 -20.92
C ARG A 28 -28.41 3.59 -20.52
N VAL A 29 -29.51 3.70 -21.28
CA VAL A 29 -30.46 4.79 -21.07
C VAL A 29 -31.85 4.20 -21.03
N GLY A 30 -32.61 4.52 -19.98
CA GLY A 30 -33.94 3.97 -19.85
C GLY A 30 -34.88 4.90 -19.11
N GLY A 31 -36.12 4.46 -18.99
CA GLY A 31 -37.04 5.25 -18.20
C GLY A 31 -37.57 6.48 -18.92
N ASP A 32 -38.07 7.43 -18.12
CA ASP A 32 -38.63 8.70 -18.58
C ASP A 32 -38.92 9.54 -17.35
N GLY A 33 -38.89 10.85 -17.53
CA GLY A 33 -38.99 11.75 -16.40
C GLY A 33 -37.75 12.58 -16.21
N PRO A 34 -37.57 13.16 -15.02
CA PRO A 34 -36.38 13.98 -14.74
C PRO A 34 -35.10 13.18 -14.95
N PRO A 35 -34.06 13.80 -15.50
CA PRO A 35 -32.82 13.06 -15.79
C PRO A 35 -31.96 12.77 -14.56
N LEU A 36 -31.49 11.52 -14.51
CA LEU A 36 -30.69 11.04 -13.39
C LEU A 36 -29.52 10.25 -13.95
N LEU A 37 -28.31 10.71 -13.64
CA LEU A 37 -27.07 10.06 -14.04
C LEU A 37 -26.54 9.21 -12.88
N LEU A 38 -26.18 7.97 -13.20
CA LEU A 38 -25.59 7.01 -12.25
C LEU A 38 -24.15 6.69 -12.65
N LEU A 39 -23.23 6.86 -11.70
CA LEU A 39 -21.80 6.63 -11.93
C LEU A 39 -21.24 5.57 -10.97
N HIS A 40 -20.71 4.50 -11.55
CA HIS A 40 -20.07 3.40 -10.84
C HIS A 40 -18.65 3.79 -10.37
N GLY A 41 -18.00 2.82 -9.73
CA GLY A 41 -16.61 2.94 -9.31
C GLY A 41 -15.76 1.72 -9.60
N PHE A 42 -14.75 1.47 -8.77
CA PHE A 42 -13.70 0.48 -8.97
C PHE A 42 -13.93 -0.75 -8.09
N PRO A 43 -13.74 -1.97 -8.62
CA PRO A 43 -13.34 -2.36 -9.97
C PRO A 43 -14.59 -2.80 -10.74
N GLN A 44 -15.51 -1.87 -10.98
CA GLN A 44 -16.79 -2.19 -11.58
C GLN A 44 -16.99 -1.40 -12.87
N THR A 45 -18.22 -1.49 -13.39
CA THR A 45 -18.65 -0.79 -14.60
C THR A 45 -20.09 -0.37 -14.35
N HIS A 46 -20.72 0.22 -15.36
CA HIS A 46 -22.10 0.68 -15.23
C HIS A 46 -23.06 -0.44 -14.81
N VAL A 47 -22.71 -1.70 -15.06
CA VAL A 47 -23.67 -2.75 -14.74
C VAL A 47 -23.93 -2.89 -13.23
N MET A 48 -23.09 -2.31 -12.35
CA MET A 48 -23.40 -2.41 -10.90
C MET A 48 -24.74 -1.80 -10.51
N TRP A 49 -25.35 -0.99 -11.38
CA TRP A 49 -26.63 -0.38 -11.08
C TRP A 49 -27.80 -1.25 -11.51
N HIS A 50 -27.55 -2.47 -11.98
CA HIS A 50 -28.64 -3.22 -12.64
C HIS A 50 -29.74 -3.67 -11.69
N ARG A 51 -29.48 -3.75 -10.40
CA ARG A 51 -30.54 -4.17 -9.49
C ARG A 51 -31.43 -3.02 -9.04
N VAL A 52 -30.97 -1.77 -9.16
CA VAL A 52 -31.77 -0.62 -8.76
C VAL A 52 -32.27 0.18 -9.95
N ALA A 53 -31.64 0.05 -11.12
CA ALA A 53 -32.05 0.85 -12.28
C ALA A 53 -33.51 0.65 -12.67
N PRO A 54 -34.08 -0.56 -12.66
CA PRO A 54 -35.53 -0.68 -12.98
C PRO A 54 -36.44 0.18 -12.11
N LYS A 55 -36.28 0.15 -10.78
CA LYS A 55 -37.12 0.97 -9.92
C LYS A 55 -36.90 2.45 -10.17
N LEU A 56 -35.65 2.87 -10.40
CA LEU A 56 -35.40 4.28 -10.67
C LEU A 56 -36.03 4.71 -11.99
N ALA A 57 -36.03 3.81 -12.98
CA ALA A 57 -36.56 4.13 -14.30
C ALA A 57 -38.09 4.22 -14.28
N GLU A 58 -38.75 3.75 -13.22
CA GLU A 58 -40.18 4.05 -13.08
C GLU A 58 -40.46 5.53 -12.89
N ARG A 59 -39.48 6.32 -12.42
CA ARG A 59 -39.72 7.71 -12.03
C ARG A 59 -38.80 8.70 -12.72
N PHE A 60 -37.67 8.26 -13.30
CA PHE A 60 -36.65 9.13 -13.86
C PHE A 60 -36.23 8.61 -15.22
N LYS A 61 -35.70 9.53 -16.04
CA LYS A 61 -34.90 9.16 -17.20
C LYS A 61 -33.50 8.79 -16.69
N VAL A 62 -33.15 7.52 -16.74
CA VAL A 62 -31.94 6.99 -16.09
C VAL A 62 -30.84 6.82 -17.13
N ILE A 63 -29.68 7.41 -16.85
CA ILE A 63 -28.49 7.33 -17.70
C ILE A 63 -27.42 6.64 -16.88
N VAL A 64 -27.03 5.43 -17.30
CA VAL A 64 -26.12 4.59 -16.51
C VAL A 64 -24.81 4.56 -17.28
N ALA A 65 -23.83 5.37 -16.87
CA ALA A 65 -22.66 5.60 -17.72
C ALA A 65 -21.42 4.88 -17.19
N ASP A 66 -20.60 4.39 -18.13
CA ASP A 66 -19.24 3.99 -17.78
C ASP A 66 -18.36 5.24 -17.60
N LEU A 67 -17.56 5.26 -16.52
CA LEU A 67 -16.66 6.36 -16.31
C LEU A 67 -15.67 6.46 -17.46
N PRO A 68 -15.10 7.65 -17.69
CA PRO A 68 -13.98 7.78 -18.64
C PRO A 68 -12.93 6.71 -18.37
N GLY A 69 -12.58 5.98 -19.44
CA GLY A 69 -11.59 4.92 -19.32
C GLY A 69 -12.07 3.59 -18.77
N TYR A 70 -13.32 3.49 -18.30
CA TYR A 70 -13.84 2.25 -17.73
C TYR A 70 -14.86 1.61 -18.67
N GLY A 71 -15.03 0.30 -18.49
CA GLY A 71 -16.08 -0.42 -19.20
C GLY A 71 -15.90 -0.37 -20.70
N TRP A 72 -16.86 0.25 -21.38
CA TRP A 72 -16.85 0.46 -22.83
C TRP A 72 -16.58 1.91 -23.21
N SER A 73 -16.38 2.79 -22.23
CA SER A 73 -15.98 4.16 -22.56
C SER A 73 -14.56 4.15 -23.14
N ASP A 74 -14.28 5.17 -23.96
CA ASP A 74 -12.94 5.28 -24.52
C ASP A 74 -11.91 5.52 -23.41
N MET A 75 -10.64 5.17 -23.68
CA MET A 75 -9.52 5.33 -22.75
C MET A 75 -8.53 6.40 -23.24
N PRO A 76 -8.70 7.65 -22.84
CA PRO A 76 -7.72 8.68 -23.21
C PRO A 76 -6.35 8.31 -22.66
N GLU A 77 -5.30 8.68 -23.39
CA GLU A 77 -3.94 8.50 -22.89
C GLU A 77 -3.76 9.40 -21.68
N SER A 78 -3.11 8.88 -20.64
CA SER A 78 -2.90 9.70 -19.46
C SER A 78 -1.66 10.56 -19.64
N ASP A 79 -1.28 11.27 -18.59
CA ASP A 79 -0.07 12.11 -18.64
C ASP A 79 0.56 12.10 -17.27
N GLU A 80 1.60 12.93 -17.10
CA GLU A 80 2.39 12.86 -15.88
C GLU A 80 1.60 13.30 -14.66
N GLN A 81 0.54 14.09 -14.83
CA GLN A 81 -0.33 14.48 -13.72
C GLN A 81 -1.60 13.65 -13.66
N HIS A 82 -1.68 12.59 -14.46
CA HIS A 82 -2.85 11.70 -14.51
C HIS A 82 -4.12 12.47 -14.87
N THR A 83 -3.98 13.57 -15.64
CA THR A 83 -5.09 14.51 -15.78
C THR A 83 -6.40 13.90 -16.22
N PRO A 84 -6.47 13.06 -17.26
CA PRO A 84 -7.78 12.63 -17.75
C PRO A 84 -8.53 11.76 -16.73
N TYR A 85 -7.82 11.19 -15.75
CA TYR A 85 -8.47 10.34 -14.75
C TYR A 85 -8.58 11.02 -13.40
N THR A 86 -8.27 12.31 -13.33
CA THR A 86 -8.69 13.10 -12.19
C THR A 86 -10.21 13.27 -12.15
N LYS A 87 -10.74 13.45 -10.96
CA LYS A 87 -12.19 13.58 -10.87
C LYS A 87 -12.66 14.88 -11.50
N ARG A 88 -11.82 15.93 -11.43
CA ARG A 88 -12.16 17.17 -12.10
C ARG A 88 -12.32 16.96 -13.61
N ALA A 89 -11.35 16.25 -14.23
CA ALA A 89 -11.47 16.03 -15.66
C ALA A 89 -12.64 15.10 -16.00
N MET A 90 -12.83 14.05 -15.20
CA MET A 90 -13.92 13.13 -15.48
C MET A 90 -15.25 13.85 -15.37
N ALA A 91 -15.37 14.76 -14.40
CA ALA A 91 -16.60 15.51 -14.24
C ALA A 91 -16.84 16.41 -15.45
N LYS A 92 -15.80 17.09 -15.94
CA LYS A 92 -15.96 17.92 -17.13
C LYS A 92 -16.42 17.08 -18.33
N GLN A 93 -15.83 15.88 -18.48
CA GLN A 93 -16.18 15.01 -19.60
C GLN A 93 -17.63 14.55 -19.50
N LEU A 94 -18.09 14.21 -18.29
CA LEU A 94 -19.47 13.73 -18.18
C LEU A 94 -20.46 14.88 -18.32
N ILE A 95 -20.08 16.10 -17.92
CA ILE A 95 -20.90 17.27 -18.20
C ILE A 95 -21.07 17.44 -19.71
N GLU A 96 -19.98 17.29 -20.48
CA GLU A 96 -20.10 17.35 -21.94
C GLU A 96 -21.01 16.26 -22.46
N ALA A 97 -20.84 15.04 -21.93
CA ALA A 97 -21.68 13.92 -22.37
C ALA A 97 -23.14 14.21 -22.12
N MET A 98 -23.47 14.72 -20.92
CA MET A 98 -24.87 14.99 -20.62
C MET A 98 -25.40 16.10 -21.52
N GLU A 99 -24.54 17.06 -21.89
CA GLU A 99 -24.98 18.13 -22.81
C GLU A 99 -25.31 17.57 -24.18
N GLN A 100 -24.62 16.52 -24.62
CA GLN A 100 -24.96 15.89 -25.91
C GLN A 100 -26.37 15.35 -25.91
N LEU A 101 -26.89 14.97 -24.73
CA LEU A 101 -28.24 14.45 -24.58
C LEU A 101 -29.25 15.56 -24.31
N GLY A 102 -28.80 16.80 -24.23
CA GLY A 102 -29.64 17.91 -23.84
C GLY A 102 -29.87 18.06 -22.36
N HIS A 103 -28.98 17.54 -21.51
CA HIS A 103 -29.15 17.65 -20.07
C HIS A 103 -28.10 18.59 -19.54
N VAL A 104 -28.50 19.79 -19.14
CA VAL A 104 -27.61 20.77 -18.54
C VAL A 104 -27.87 20.96 -17.06
N HIS A 105 -28.88 20.29 -16.53
CA HIS A 105 -29.22 20.38 -15.11
C HIS A 105 -29.86 19.06 -14.77
N PHE A 106 -29.21 18.25 -13.94
CA PHE A 106 -29.67 16.89 -13.77
C PHE A 106 -29.39 16.45 -12.34
N ALA A 107 -29.99 15.32 -11.97
CA ALA A 107 -29.72 14.65 -10.69
C ALA A 107 -28.59 13.65 -10.90
N LEU A 108 -27.84 13.39 -9.84
CA LEU A 108 -26.62 12.58 -9.96
C LEU A 108 -26.45 11.69 -8.74
N ALA A 109 -26.23 10.40 -8.96
CA ALA A 109 -25.85 9.49 -7.88
C ALA A 109 -24.57 8.78 -8.30
N GLY A 110 -23.60 8.71 -7.39
CA GLY A 110 -22.35 8.03 -7.69
C GLY A 110 -21.98 7.11 -6.55
N HIS A 111 -21.18 6.11 -6.89
CA HIS A 111 -20.67 5.12 -5.94
C HIS A 111 -19.16 5.01 -6.11
N ASP A 112 -18.43 4.98 -4.99
CA ASP A 112 -16.98 4.73 -5.03
C ASP A 112 -16.35 5.78 -5.95
N ARG A 113 -15.50 5.41 -6.94
CA ARG A 113 -14.83 6.46 -7.72
C ARG A 113 -15.85 7.39 -8.36
N GLY A 114 -17.00 6.85 -8.79
CA GLY A 114 -18.02 7.67 -9.41
C GLY A 114 -18.65 8.67 -8.47
N ALA A 115 -18.68 8.35 -7.17
CA ALA A 115 -19.12 9.31 -6.17
C ALA A 115 -18.08 10.42 -6.00
N ARG A 116 -16.80 10.11 -6.21
CA ARG A 116 -15.76 11.15 -6.16
C ARG A 116 -15.87 12.08 -7.37
N VAL A 117 -16.10 11.53 -8.56
CA VAL A 117 -16.48 12.38 -9.69
C VAL A 117 -17.66 13.28 -9.32
N SER A 118 -18.66 12.71 -8.63
CA SER A 118 -19.91 13.45 -8.40
C SER A 118 -19.70 14.63 -7.44
N TYR A 119 -19.00 14.43 -6.31
CA TYR A 119 -18.87 15.58 -5.40
C TYR A 119 -17.90 16.59 -5.99
N ARG A 120 -16.90 16.13 -6.75
CA ARG A 120 -16.04 17.08 -7.45
C ARG A 120 -16.84 17.90 -8.48
N LEU A 121 -17.75 17.24 -9.21
CA LEU A 121 -18.64 17.95 -10.12
C LEU A 121 -19.44 19.03 -9.39
N ALA A 122 -19.97 18.69 -8.21
CA ALA A 122 -20.75 19.63 -7.42
C ALA A 122 -19.88 20.78 -6.90
N LEU A 123 -18.61 20.53 -6.58
CA LEU A 123 -17.76 21.63 -6.15
C LEU A 123 -17.38 22.54 -7.30
N ASP A 124 -17.12 21.99 -8.48
CA ASP A 124 -16.63 22.79 -9.60
C ASP A 124 -17.73 23.45 -10.39
N SER A 125 -18.87 22.75 -10.52
N SER A 125 -18.85 22.74 -10.57
CA SER A 125 -19.97 23.16 -11.40
CA SER A 125 -19.97 23.21 -11.38
C SER A 125 -21.32 22.90 -10.73
C SER A 125 -21.27 22.86 -10.69
N PRO A 126 -21.58 23.52 -9.58
CA PRO A 126 -22.84 23.23 -8.85
C PRO A 126 -24.11 23.50 -9.64
N GLY A 127 -24.06 24.46 -10.57
CA GLY A 127 -25.24 24.77 -11.33
C GLY A 127 -25.72 23.63 -12.21
N ARG A 128 -24.87 22.60 -12.43
CA ARG A 128 -25.24 21.45 -13.25
C ARG A 128 -26.18 20.49 -12.53
N LEU A 129 -26.27 20.57 -11.20
CA LEU A 129 -26.89 19.51 -10.40
C LEU A 129 -28.09 20.03 -9.66
N SER A 130 -29.21 19.34 -9.83
CA SER A 130 -30.38 19.61 -8.99
C SER A 130 -30.21 19.00 -7.60
N LYS A 131 -29.74 17.75 -7.54
CA LYS A 131 -29.51 17.03 -6.28
C LYS A 131 -28.41 16.03 -6.52
N LEU A 132 -27.68 15.69 -5.45
CA LEU A 132 -26.51 14.81 -5.53
C LEU A 132 -26.59 13.74 -4.46
N ALA A 133 -26.31 12.48 -4.82
CA ALA A 133 -26.16 11.40 -3.84
C ALA A 133 -24.79 10.75 -4.00
N VAL A 134 -24.11 10.52 -2.87
CA VAL A 134 -22.80 9.85 -2.85
C VAL A 134 -22.91 8.59 -1.99
N LEU A 135 -22.44 7.47 -2.54
CA LEU A 135 -22.60 6.15 -1.92
C LEU A 135 -21.25 5.58 -1.46
N ASP A 136 -21.17 5.29 -0.16
CA ASP A 136 -20.05 4.66 0.55
C ASP A 136 -18.71 5.34 0.31
N ILE A 137 -18.67 6.67 0.41
CA ILE A 137 -17.42 7.42 0.35
C ILE A 137 -17.42 8.54 1.38
N LEU A 138 -16.22 8.99 1.72
CA LEU A 138 -15.94 10.34 2.20
C LEU A 138 -15.09 11.02 1.14
N PRO A 139 -14.92 12.35 1.21
CA PRO A 139 -14.01 13.02 0.26
C PRO A 139 -12.61 12.42 0.31
N THR A 140 -11.97 12.41 -0.85
CA THR A 140 -10.60 11.93 -0.97
C THR A 140 -9.67 12.62 0.04
N TYR A 141 -9.82 13.92 0.27
CA TYR A 141 -9.00 14.60 1.28
C TYR A 141 -9.19 13.95 2.65
N GLU A 142 -10.41 13.57 2.99
CA GLU A 142 -10.64 13.01 4.32
C GLU A 142 -10.02 11.62 4.47
N TYR A 143 -10.07 10.80 3.42
CA TYR A 143 -9.40 9.50 3.53
C TYR A 143 -7.90 9.68 3.77
N TRP A 144 -7.26 10.59 3.06
CA TRP A 144 -5.83 10.77 3.24
C TRP A 144 -5.51 11.42 4.58
N GLN A 145 -6.33 12.38 5.01
CA GLN A 145 -6.05 12.98 6.33
C GLN A 145 -6.17 11.98 7.46
N ARG A 146 -7.01 10.98 7.28
CA ARG A 146 -7.23 9.92 8.25
C ARG A 146 -6.22 8.80 8.13
N MET A 147 -5.23 8.88 7.23
CA MET A 147 -4.35 7.73 7.13
C MET A 147 -3.46 7.72 8.36
N ASN A 148 -3.50 6.59 9.00
CA ASN A 148 -2.62 6.24 10.08
C ASN A 148 -2.35 4.77 9.85
N ARG A 149 -1.76 4.10 10.82
CA ARG A 149 -1.42 2.70 10.61
C ARG A 149 -2.67 1.85 10.37
N ALA A 150 -3.72 2.04 11.16
CA ALA A 150 -4.89 1.20 10.97
C ALA A 150 -5.53 1.39 9.59
N TYR A 151 -5.62 2.63 9.12
N TYR A 151 -5.63 2.64 9.15
CA TYR A 151 -6.27 2.84 7.83
CA TYR A 151 -6.22 2.93 7.85
C TYR A 151 -5.34 2.53 6.66
C TYR A 151 -5.33 2.46 6.72
N ALA A 152 -4.02 2.67 6.85
CA ALA A 152 -3.08 2.27 5.80
C ALA A 152 -3.18 0.77 5.54
N LEU A 153 -3.42 0.00 6.59
CA LEU A 153 -3.63 -1.44 6.41
C LEU A 153 -4.99 -1.70 5.77
N LYS A 154 -6.02 -0.95 6.18
CA LYS A 154 -7.36 -1.24 5.70
C LYS A 154 -7.54 -0.86 4.23
N ILE A 155 -7.11 0.33 3.85
CA ILE A 155 -7.28 0.72 2.44
C ILE A 155 -5.91 0.79 1.77
N TYR A 156 -5.14 -0.30 1.91
CA TYR A 156 -3.80 -0.37 1.34
C TYR A 156 -3.82 -0.06 -0.14
N HIS A 157 -4.94 -0.35 -0.82
CA HIS A 157 -4.91 -0.28 -2.28
C HIS A 157 -4.81 1.17 -2.74
N TRP A 158 -5.17 2.13 -1.88
CA TRP A 158 -5.02 3.54 -2.25
C TRP A 158 -3.55 3.89 -2.47
N SER A 159 -2.66 3.33 -1.67
CA SER A 159 -1.23 3.57 -1.82
C SER A 159 -0.55 2.61 -2.76
N PHE A 160 -1.03 1.35 -2.82
CA PHE A 160 -0.48 0.37 -3.74
C PHE A 160 -0.74 0.76 -5.20
N LEU A 161 -2.01 1.02 -5.54
CA LEU A 161 -2.36 1.27 -6.94
C LEU A 161 -1.87 2.61 -7.40
N ALA A 162 -1.48 3.50 -6.47
CA ALA A 162 -0.93 4.80 -6.80
C ALA A 162 0.59 4.77 -6.98
N GLN A 163 1.27 3.64 -6.78
CA GLN A 163 2.72 3.61 -7.04
C GLN A 163 3.00 3.90 -8.50
N PRO A 164 4.17 4.48 -8.80
CA PRO A 164 4.46 4.82 -10.19
C PRO A 164 4.43 3.59 -11.09
N ALA A 165 3.91 3.80 -12.29
CA ALA A 165 3.89 2.76 -13.30
C ALA A 165 5.32 2.36 -13.64
N PRO A 166 5.54 1.10 -13.98
CA PRO A 166 4.52 0.06 -14.15
C PRO A 166 4.37 -0.90 -12.97
N LEU A 167 4.64 -0.47 -11.75
CA LEU A 167 4.69 -1.46 -10.67
C LEU A 167 3.34 -2.12 -10.40
N PRO A 168 2.27 -1.40 -10.13
CA PRO A 168 0.98 -2.09 -9.94
C PRO A 168 0.54 -2.84 -11.19
N GLU A 169 0.74 -2.26 -12.38
CA GLU A 169 0.35 -2.93 -13.62
C GLU A 169 1.05 -4.26 -13.76
N ASN A 170 2.35 -4.29 -13.45
N ASN A 170 2.33 -4.32 -13.41
CA ASN A 170 3.11 -5.54 -13.53
CA ASN A 170 3.04 -5.57 -13.58
C ASN A 170 2.54 -6.57 -12.58
C ASN A 170 2.67 -6.61 -12.54
N LEU A 171 2.28 -6.17 -11.33
CA LEU A 171 1.82 -7.11 -10.32
C LEU A 171 0.43 -7.64 -10.66
N LEU A 172 -0.44 -6.78 -11.20
CA LEU A 172 -1.79 -7.21 -11.54
C LEU A 172 -1.84 -8.09 -12.78
N GLY A 173 -0.77 -8.11 -13.59
CA GLY A 173 -0.84 -8.81 -14.87
C GLY A 173 -0.74 -10.32 -14.81
N GLY A 174 -0.22 -10.87 -13.71
CA GLY A 174 0.00 -12.32 -13.71
C GLY A 174 -1.28 -13.12 -13.58
N ASP A 175 -2.23 -12.62 -12.80
CA ASP A 175 -3.45 -13.35 -12.45
C ASP A 175 -4.55 -12.31 -12.19
N PRO A 176 -4.96 -11.57 -13.22
CA PRO A 176 -5.91 -10.46 -12.97
C PRO A 176 -7.23 -10.93 -12.41
N ASP A 177 -7.72 -12.09 -12.84
CA ASP A 177 -9.01 -12.56 -12.33
C ASP A 177 -8.99 -12.64 -10.80
N PHE A 178 -7.88 -13.12 -10.24
CA PHE A 178 -7.85 -13.33 -8.80
C PHE A 178 -7.95 -12.01 -8.04
N TYR A 179 -7.29 -10.97 -8.55
CA TYR A 179 -7.28 -9.71 -7.82
C TYR A 179 -8.66 -9.06 -7.85
N VAL A 180 -9.28 -9.00 -9.04
CA VAL A 180 -10.57 -8.31 -9.15
C VAL A 180 -11.62 -9.05 -8.35
N LYS A 181 -11.58 -10.39 -8.39
CA LYS A 181 -12.54 -11.14 -7.61
C LYS A 181 -12.24 -11.05 -6.11
N ALA A 182 -10.95 -10.93 -5.73
CA ALA A 182 -10.64 -10.76 -4.31
C ALA A 182 -11.11 -9.41 -3.78
N LYS A 183 -10.99 -8.35 -4.60
CA LYS A 183 -11.45 -7.04 -4.17
C LYS A 183 -12.98 -7.01 -4.06
N LEU A 184 -13.67 -7.57 -5.06
CA LEU A 184 -15.12 -7.61 -4.99
C LEU A 184 -15.58 -8.33 -3.74
N ALA A 185 -15.03 -9.51 -3.47
CA ALA A 185 -15.43 -10.26 -2.28
C ALA A 185 -15.06 -9.51 -1.00
N SER A 186 -13.86 -8.95 -0.94
CA SER A 186 -13.33 -8.41 0.31
C SER A 186 -14.18 -7.27 0.85
N TRP A 187 -14.76 -6.47 -0.02
CA TRP A 187 -15.43 -5.28 0.47
C TRP A 187 -16.92 -5.49 0.74
N THR A 188 -17.45 -6.69 0.47
CA THR A 188 -18.82 -7.00 0.85
C THR A 188 -18.89 -7.33 2.34
N ARG A 189 -20.12 -7.34 2.84
CA ARG A 189 -20.29 -7.75 4.24
C ARG A 189 -19.82 -9.18 4.47
N ALA A 190 -20.24 -10.10 3.58
CA ALA A 190 -19.95 -11.52 3.78
C ALA A 190 -18.52 -11.89 3.46
N GLY A 191 -17.80 -11.11 2.67
CA GLY A 191 -16.45 -11.45 2.31
C GLY A 191 -16.33 -12.46 1.18
N ASP A 192 -17.41 -12.68 0.43
CA ASP A 192 -17.38 -13.56 -0.74
C ASP A 192 -18.17 -12.89 -1.86
N LEU A 193 -18.43 -13.63 -2.93
CA LEU A 193 -19.10 -13.08 -4.10
C LEU A 193 -20.61 -13.29 -4.10
N SER A 194 -21.20 -13.71 -2.97
CA SER A 194 -22.60 -14.11 -3.01
C SER A 194 -23.54 -12.96 -3.28
N ALA A 195 -23.12 -11.72 -2.97
CA ALA A 195 -23.99 -10.57 -3.15
C ALA A 195 -24.17 -10.19 -4.60
N PHE A 196 -23.31 -10.67 -5.50
CA PHE A 196 -23.29 -10.22 -6.89
C PHE A 196 -24.04 -11.19 -7.79
N ASP A 197 -24.76 -10.66 -8.75
CA ASP A 197 -25.18 -11.48 -9.86
C ASP A 197 -23.95 -12.00 -10.60
N PRO A 198 -23.83 -13.31 -10.84
CA PRO A 198 -22.64 -13.81 -11.54
C PRO A 198 -22.45 -13.19 -12.92
N ARG A 199 -23.53 -12.80 -13.60
CA ARG A 199 -23.38 -12.10 -14.87
C ARG A 199 -22.74 -10.73 -14.69
N ALA A 200 -23.01 -10.07 -13.57
CA ALA A 200 -22.36 -8.78 -13.30
C ALA A 200 -20.88 -8.99 -13.02
N VAL A 201 -20.55 -10.04 -12.25
CA VAL A 201 -19.15 -10.33 -11.98
C VAL A 201 -18.40 -10.55 -13.28
N GLU A 202 -19.03 -11.24 -14.25
CA GLU A 202 -18.33 -11.48 -15.50
C GLU A 202 -18.05 -10.18 -16.27
N HIS A 203 -18.99 -9.22 -16.27
CA HIS A 203 -18.68 -7.89 -16.80
C HIS A 203 -17.44 -7.30 -16.13
N TYR A 204 -17.37 -7.39 -14.80
CA TYR A 204 -16.24 -6.76 -14.09
C TYR A 204 -14.95 -7.49 -14.44
N ARG A 205 -15.04 -8.81 -14.52
CA ARG A 205 -13.85 -9.62 -14.80
C ARG A 205 -13.33 -9.35 -16.22
N ILE A 206 -14.23 -9.25 -17.21
CA ILE A 206 -13.79 -9.04 -18.59
C ILE A 206 -13.14 -7.67 -18.72
N ALA A 207 -13.72 -6.64 -18.10
CA ALA A 207 -13.08 -5.33 -18.12
C ALA A 207 -11.70 -5.39 -17.49
N PHE A 208 -11.59 -6.03 -16.32
CA PHE A 208 -10.32 -6.08 -15.63
C PHE A 208 -9.29 -6.93 -16.35
N ALA A 209 -9.72 -7.80 -17.27
CA ALA A 209 -8.77 -8.64 -18.01
C ALA A 209 -8.01 -7.89 -19.09
N ASP A 210 -8.40 -6.63 -19.38
CA ASP A 210 -7.73 -5.83 -20.39
C ASP A 210 -6.63 -5.01 -19.72
N PRO A 211 -5.36 -5.21 -20.06
CA PRO A 211 -4.29 -4.42 -19.42
C PRO A 211 -4.46 -2.92 -19.59
N MET A 212 -5.12 -2.50 -20.68
CA MET A 212 -5.33 -1.07 -20.86
C MET A 212 -6.34 -0.55 -19.85
N ARG A 213 -7.37 -1.35 -19.57
CA ARG A 213 -8.33 -0.99 -18.54
C ARG A 213 -7.69 -0.96 -17.16
N ARG A 214 -6.82 -1.94 -16.86
CA ARG A 214 -6.13 -1.95 -15.56
C ARG A 214 -5.22 -0.73 -15.41
N HIS A 215 -4.55 -0.30 -16.48
CA HIS A 215 -3.73 0.90 -16.41
C HIS A 215 -4.58 2.13 -16.08
N VAL A 216 -5.77 2.24 -16.69
CA VAL A 216 -6.68 3.34 -16.36
C VAL A 216 -7.02 3.33 -14.88
N MET A 217 -7.34 2.15 -14.34
CA MET A 217 -7.67 2.08 -12.91
C MET A 217 -6.51 2.59 -12.07
N CYS A 218 -5.28 2.20 -12.41
CA CYS A 218 -4.13 2.69 -11.65
C CYS A 218 -4.00 4.21 -11.78
N GLU A 219 -4.19 4.76 -12.99
CA GLU A 219 -4.16 6.22 -13.18
C GLU A 219 -5.22 6.92 -12.31
N ASP A 220 -6.41 6.30 -12.19
CA ASP A 220 -7.45 6.82 -11.31
C ASP A 220 -6.95 6.92 -9.87
N PHE A 221 -6.29 5.86 -9.38
CA PHE A 221 -5.77 5.92 -8.03
C PHE A 221 -4.56 6.83 -7.89
N ARG A 222 -3.72 6.95 -8.94
CA ARG A 222 -2.65 7.95 -8.93
C ARG A 222 -3.24 9.37 -8.83
N ALA A 223 -4.27 9.67 -9.63
CA ALA A 223 -4.96 10.95 -9.49
C ALA A 223 -5.49 11.11 -8.08
N GLY A 224 -6.03 10.02 -7.52
CA GLY A 224 -6.59 10.08 -6.16
C GLY A 224 -5.56 10.41 -5.10
N ALA A 225 -4.30 10.02 -5.31
CA ALA A 225 -3.22 10.29 -4.37
C ALA A 225 -2.61 11.67 -4.54
N TYR A 226 -2.78 12.30 -5.70
CA TYR A 226 -2.06 13.53 -6.07
C TYR A 226 -3.06 14.61 -6.43
N ALA A 227 -3.31 14.88 -7.72
CA ALA A 227 -4.18 16.02 -8.08
C ALA A 227 -5.53 16.02 -7.38
N ASP A 228 -6.20 14.86 -7.29
CA ASP A 228 -7.53 14.88 -6.65
C ASP A 228 -7.44 15.36 -5.21
N PHE A 229 -6.45 14.85 -4.49
CA PHE A 229 -6.20 15.27 -3.11
C PHE A 229 -5.93 16.77 -3.04
N GLU A 230 -5.10 17.28 -3.96
CA GLU A 230 -4.80 18.70 -3.97
C GLU A 230 -6.03 19.53 -4.29
N HIS A 231 -6.87 19.08 -5.23
CA HIS A 231 -8.08 19.85 -5.53
C HIS A 231 -8.98 19.92 -4.32
N ASP A 232 -9.15 18.78 -3.64
CA ASP A 232 -9.92 18.76 -2.41
C ASP A 232 -9.31 19.67 -1.35
N LYS A 233 -7.97 19.59 -1.18
CA LYS A 233 -7.29 20.39 -0.15
C LYS A 233 -7.59 21.88 -0.34
N ILE A 234 -7.60 22.37 -1.58
CA ILE A 234 -7.90 23.78 -1.82
C ILE A 234 -9.30 24.10 -1.30
N ASP A 235 -10.28 23.24 -1.56
CA ASP A 235 -11.64 23.51 -1.14
C ASP A 235 -11.77 23.51 0.37
N VAL A 236 -11.23 22.49 1.04
CA VAL A 236 -11.42 22.42 2.48
C VAL A 236 -10.69 23.55 3.18
N GLU A 237 -9.49 23.92 2.69
CA GLU A 237 -8.76 25.00 3.34
C GLU A 237 -9.42 26.35 3.05
N ALA A 238 -10.16 26.45 1.98
CA ALA A 238 -10.93 27.66 1.70
C ALA A 238 -12.29 27.67 2.39
N GLY A 239 -12.75 26.54 2.94
CA GLY A 239 -14.09 26.48 3.51
C GLY A 239 -15.21 26.40 2.52
N ASN A 240 -14.92 25.94 1.30
CA ASN A 240 -15.93 25.80 0.27
C ASN A 240 -16.83 24.60 0.58
N LYS A 241 -18.13 24.81 0.56
CA LYS A 241 -19.10 23.75 0.77
C LYS A 241 -19.99 23.60 -0.45
N ILE A 242 -20.32 22.35 -0.76
CA ILE A 242 -21.29 22.05 -1.80
C ILE A 242 -22.67 22.59 -1.41
N PRO A 243 -23.29 23.42 -2.26
CA PRO A 243 -24.61 23.98 -1.93
C PRO A 243 -25.78 23.13 -2.42
N VAL A 244 -25.50 22.19 -3.32
CA VAL A 244 -26.51 21.31 -3.94
C VAL A 244 -27.14 20.45 -2.86
N PRO A 245 -28.47 20.31 -2.78
CA PRO A 245 -29.04 19.34 -1.85
C PRO A 245 -28.40 17.97 -2.03
N MET A 246 -27.96 17.36 -0.93
CA MET A 246 -27.09 16.20 -1.00
C MET A 246 -27.58 15.09 -0.08
N LEU A 247 -27.36 13.84 -0.52
CA LEU A 247 -27.59 12.65 0.28
C LEU A 247 -26.29 11.85 0.35
N ALA A 248 -25.87 11.50 1.56
CA ALA A 248 -24.75 10.58 1.76
C ALA A 248 -25.30 9.26 2.29
N LEU A 249 -25.09 8.18 1.54
CA LEU A 249 -25.48 6.85 1.99
C LEU A 249 -24.20 6.05 2.17
N TRP A 250 -24.14 5.25 3.20
CA TRP A 250 -22.96 4.42 3.32
C TRP A 250 -23.33 3.08 3.91
N GLY A 251 -22.47 2.10 3.70
CA GLY A 251 -22.70 0.77 4.25
C GLY A 251 -22.20 0.70 5.68
N ALA A 252 -23.02 0.09 6.53
CA ALA A 252 -22.58 -0.03 7.92
C ALA A 252 -21.33 -0.86 8.03
N SER A 253 -21.09 -1.77 7.08
CA SER A 253 -19.85 -2.53 6.98
C SER A 253 -19.01 -2.12 5.77
N GLY A 254 -19.22 -0.90 5.26
CA GLY A 254 -18.47 -0.40 4.11
C GLY A 254 -17.17 0.29 4.50
N ILE A 255 -16.58 0.99 3.51
CA ILE A 255 -15.25 1.58 3.74
C ILE A 255 -15.36 2.94 4.43
N ALA A 256 -16.35 3.75 4.05
CA ALA A 256 -16.39 5.14 4.53
C ALA A 256 -16.51 5.21 6.05
N GLN A 257 -17.28 4.30 6.66
CA GLN A 257 -17.51 4.38 8.10
C GLN A 257 -16.31 3.93 8.93
N SER A 258 -15.29 3.37 8.29
CA SER A 258 -14.25 2.60 8.97
C SER A 258 -13.79 3.26 10.27
N ALA A 259 -13.24 4.48 10.17
CA ALA A 259 -12.96 5.28 11.36
C ALA A 259 -13.32 6.73 11.01
N ALA A 260 -14.62 7.00 11.03
CA ALA A 260 -15.20 8.30 10.79
C ALA A 260 -16.70 8.14 10.85
N THR A 261 -17.39 9.15 11.38
CA THR A 261 -18.84 9.16 11.37
C THR A 261 -19.30 9.95 10.14
N PRO A 262 -19.81 9.29 9.09
CA PRO A 262 -19.79 9.92 7.76
C PRO A 262 -20.62 11.18 7.66
N LEU A 263 -21.76 11.26 8.33
CA LEU A 263 -22.60 12.45 8.16
C LEU A 263 -21.92 13.71 8.70
N ASP A 264 -21.23 13.59 9.85
CA ASP A 264 -20.48 14.72 10.38
C ASP A 264 -19.41 15.17 9.40
N VAL A 265 -18.73 14.22 8.75
CA VAL A 265 -17.73 14.59 7.76
C VAL A 265 -18.37 15.34 6.61
N TRP A 266 -19.47 14.81 6.07
CA TRP A 266 -20.07 15.45 4.90
C TRP A 266 -20.63 16.83 5.24
N ARG A 267 -21.03 17.06 6.51
CA ARG A 267 -21.53 18.37 6.89
C ARG A 267 -20.44 19.43 6.83
N LYS A 268 -19.16 19.04 6.96
CA LYS A 268 -18.04 19.94 6.74
C LYS A 268 -17.89 20.33 5.27
N TRP A 269 -18.44 19.53 4.35
CA TRP A 269 -18.22 19.66 2.92
C TRP A 269 -19.45 20.13 2.17
N ALA A 270 -20.60 20.23 2.83
CA ALA A 270 -21.85 20.42 2.14
C ALA A 270 -22.79 21.14 3.09
N SER A 271 -23.50 22.16 2.57
CA SER A 271 -24.34 22.94 3.47
C SER A 271 -25.77 22.45 3.55
N ASP A 272 -26.19 21.49 2.73
CA ASP A 272 -27.55 20.95 2.80
C ASP A 272 -27.46 19.45 2.55
N VAL A 273 -27.08 18.70 3.58
CA VAL A 273 -26.82 17.28 3.41
C VAL A 273 -27.59 16.49 4.45
N GLN A 274 -28.18 15.38 4.00
CA GLN A 274 -28.74 14.34 4.84
C GLN A 274 -27.99 13.05 4.57
N GLY A 275 -28.06 12.13 5.53
CA GLY A 275 -27.32 10.89 5.38
C GLY A 275 -27.96 9.78 6.18
N ALA A 276 -27.66 8.55 5.77
CA ALA A 276 -28.10 7.38 6.52
C ALA A 276 -27.18 6.22 6.20
N PRO A 277 -26.94 5.34 7.17
CA PRO A 277 -26.34 4.05 6.89
C PRO A 277 -27.38 3.10 6.32
N ILE A 278 -26.88 2.11 5.59
CA ILE A 278 -27.62 0.95 5.14
C ILE A 278 -26.85 -0.30 5.57
N GLU A 279 -27.59 -1.33 5.98
CA GLU A 279 -26.96 -2.59 6.36
C GLU A 279 -26.46 -3.28 5.10
N SER A 280 -25.14 -3.22 4.94
CA SER A 280 -24.44 -3.52 3.68
C SER A 280 -22.95 -3.36 3.89
N GLY A 281 -22.17 -4.12 3.13
CA GLY A 281 -20.79 -3.71 2.88
C GLY A 281 -20.71 -2.56 1.89
N HIS A 282 -19.61 -2.51 1.15
CA HIS A 282 -19.33 -1.36 0.31
C HIS A 282 -20.29 -1.23 -0.86
N PHE A 283 -20.71 -2.36 -1.43
CA PHE A 283 -21.40 -2.37 -2.73
C PHE A 283 -22.91 -2.22 -2.55
N LEU A 284 -23.33 -1.04 -2.08
CA LEU A 284 -24.72 -0.82 -1.68
C LEU A 284 -25.73 -1.25 -2.73
N PRO A 285 -25.60 -0.86 -4.01
CA PRO A 285 -26.66 -1.19 -4.97
C PRO A 285 -26.78 -2.68 -5.29
N GLU A 286 -25.78 -3.48 -4.95
CA GLU A 286 -25.85 -4.91 -5.18
C GLU A 286 -26.10 -5.71 -3.91
N GLU A 287 -25.51 -5.28 -2.79
CA GLU A 287 -25.72 -5.95 -1.51
C GLU A 287 -27.06 -5.57 -0.89
N ALA A 288 -27.53 -4.35 -1.10
CA ALA A 288 -28.79 -3.88 -0.50
C ALA A 288 -29.61 -3.13 -1.54
N PRO A 289 -30.03 -3.82 -2.61
CA PRO A 289 -30.68 -3.10 -3.72
C PRO A 289 -32.03 -2.51 -3.31
N ASP A 290 -32.80 -3.21 -2.49
CA ASP A 290 -34.12 -2.67 -2.15
C ASP A 290 -33.98 -1.40 -1.32
N GLN A 291 -33.12 -1.45 -0.29
CA GLN A 291 -32.92 -0.28 0.56
C GLN A 291 -32.28 0.87 -0.20
N THR A 292 -31.31 0.58 -1.09
CA THR A 292 -30.67 1.64 -1.85
C THR A 292 -31.64 2.28 -2.82
N ALA A 293 -32.38 1.47 -3.56
CA ALA A 293 -33.33 2.02 -4.51
C ALA A 293 -34.37 2.90 -3.81
N GLU A 294 -34.91 2.43 -2.68
CA GLU A 294 -35.89 3.24 -1.95
C GLU A 294 -35.30 4.57 -1.49
N ALA A 295 -34.08 4.53 -0.92
CA ALA A 295 -33.47 5.78 -0.45
C ALA A 295 -33.29 6.77 -1.59
N LEU A 296 -32.83 6.29 -2.75
CA LEU A 296 -32.58 7.18 -3.87
C LEU A 296 -33.88 7.70 -4.47
N VAL A 297 -34.86 6.80 -4.66
CA VAL A 297 -36.17 7.25 -5.16
C VAL A 297 -36.74 8.33 -4.24
N ARG A 298 -36.72 8.08 -2.93
CA ARG A 298 -37.25 9.04 -1.97
C ARG A 298 -36.50 10.36 -2.03
N PHE A 299 -35.18 10.33 -2.14
CA PHE A 299 -34.43 11.57 -2.10
C PHE A 299 -34.65 12.37 -3.37
N PHE A 300 -34.52 11.71 -4.52
CA PHE A 300 -34.61 12.48 -5.76
C PHE A 300 -36.03 12.91 -6.08
N SER A 301 -37.04 12.24 -5.53
CA SER A 301 -38.42 12.66 -5.74
C SER A 301 -38.78 13.79 -4.78
N ALA A 302 -39.68 14.68 -5.25
CA ALA A 302 -40.00 15.98 -4.61
C ALA A 302 -39.11 16.40 -3.44
N LEU B 6 25.92 -19.21 -8.65
CA LEU B 6 26.04 -18.12 -7.67
C LEU B 6 27.51 -17.91 -7.29
N ALA B 7 27.93 -16.64 -7.28
CA ALA B 7 29.32 -16.28 -7.05
C ALA B 7 29.67 -16.24 -5.56
N ASP B 8 30.92 -16.59 -5.24
CA ASP B 8 31.46 -16.48 -3.89
C ASP B 8 32.01 -15.08 -3.74
N LEU B 9 31.29 -14.25 -2.99
CA LEU B 9 31.64 -12.85 -2.84
C LEU B 9 32.36 -12.56 -1.53
N PHE B 10 32.76 -13.59 -0.79
CA PHE B 10 33.46 -13.44 0.49
C PHE B 10 34.76 -14.23 0.44
N PRO B 11 35.79 -13.68 -0.18
CA PRO B 11 37.05 -14.42 -0.33
C PRO B 11 37.68 -14.67 1.04
N GLY B 12 37.96 -15.94 1.33
CA GLY B 12 38.56 -16.34 2.58
C GLY B 12 37.57 -16.72 3.66
N PHE B 13 36.32 -16.27 3.55
CA PHE B 13 35.32 -16.61 4.54
C PHE B 13 34.91 -18.06 4.41
N GLY B 14 34.72 -18.71 5.55
CA GLY B 14 34.05 -20.00 5.59
C GLY B 14 32.55 -19.89 5.39
N SER B 15 31.92 -21.06 5.28
CA SER B 15 30.47 -21.16 5.15
C SER B 15 29.98 -22.16 6.20
N GLU B 16 29.00 -21.75 6.99
CA GLU B 16 28.56 -22.50 8.16
C GLU B 16 27.05 -22.55 8.25
N TRP B 17 26.51 -23.72 8.59
CA TRP B 17 25.10 -23.88 8.95
C TRP B 17 25.03 -24.07 10.46
N ILE B 18 24.46 -23.10 11.15
CA ILE B 18 24.45 -23.08 12.61
C ILE B 18 23.09 -23.54 13.09
N ASN B 19 23.07 -24.53 13.99
CA ASN B 19 21.82 -25.10 14.50
C ASN B 19 21.18 -24.22 15.56
N THR B 20 19.85 -24.16 15.55
CA THR B 20 19.08 -23.54 16.62
C THR B 20 17.79 -24.33 16.81
N SER B 21 17.08 -24.06 17.91
CA SER B 21 15.82 -24.74 18.15
C SER B 21 14.75 -24.43 17.10
N SER B 22 14.94 -23.39 16.27
CA SER B 22 13.97 -23.02 15.23
C SER B 22 14.45 -23.33 13.82
N GLY B 23 15.62 -23.94 13.66
CA GLY B 23 16.17 -24.19 12.35
C GLY B 23 17.56 -23.61 12.18
N ARG B 24 18.18 -24.00 11.07
CA ARG B 24 19.55 -23.58 10.78
C ARG B 24 19.63 -22.13 10.33
N ILE B 25 20.69 -21.46 10.76
CA ILE B 25 21.07 -20.13 10.30
C ILE B 25 22.30 -20.31 9.42
N PHE B 26 22.24 -19.85 8.18
CA PHE B 26 23.42 -19.86 7.34
C PHE B 26 24.26 -18.61 7.60
N ALA B 27 25.59 -18.77 7.59
CA ALA B 27 26.45 -17.62 7.75
C ALA B 27 27.78 -17.82 7.03
N ARG B 28 28.32 -16.74 6.49
CA ARG B 28 29.72 -16.68 6.10
C ARG B 28 30.52 -16.15 7.28
N VAL B 29 31.64 -16.78 7.59
CA VAL B 29 32.43 -16.41 8.77
C VAL B 29 33.87 -16.19 8.36
N GLY B 30 34.43 -15.03 8.73
CA GLY B 30 35.81 -14.71 8.42
C GLY B 30 36.45 -13.80 9.45
N GLY B 31 37.78 -13.69 9.38
CA GLY B 31 38.49 -12.80 10.27
C GLY B 31 38.80 -13.41 11.64
N ASP B 32 39.37 -12.56 12.49
CA ASP B 32 39.68 -12.93 13.87
C ASP B 32 39.59 -11.68 14.72
N GLY B 33 39.46 -11.88 16.03
CA GLY B 33 39.29 -10.73 16.90
C GLY B 33 37.93 -10.76 17.54
N PRO B 34 37.47 -9.60 18.02
CA PRO B 34 36.17 -9.53 18.70
C PRO B 34 35.05 -9.88 17.73
N PRO B 35 33.99 -10.54 18.20
CA PRO B 35 32.95 -11.03 17.29
C PRO B 35 31.99 -9.93 16.88
N LEU B 36 31.65 -9.92 15.58
CA LEU B 36 30.75 -8.92 15.00
C LEU B 36 29.77 -9.66 14.10
N LEU B 37 28.47 -9.56 14.41
CA LEU B 37 27.39 -10.16 13.64
C LEU B 37 26.79 -9.09 12.73
N LEU B 38 26.65 -9.42 11.45
CA LEU B 38 26.06 -8.54 10.44
C LEU B 38 24.75 -9.14 9.93
N LEU B 39 23.66 -8.36 10.01
CA LEU B 39 22.31 -8.83 9.63
C LEU B 39 21.71 -7.96 8.53
N HIS B 40 21.41 -8.59 7.38
CA HIS B 40 20.79 -7.99 6.20
C HIS B 40 19.32 -7.72 6.43
N GLY B 41 18.70 -7.17 5.37
CA GLY B 41 17.26 -6.99 5.36
C GLY B 41 16.59 -7.35 4.04
N PHE B 42 15.46 -6.71 3.73
CA PHE B 42 14.59 -7.01 2.60
C PHE B 42 14.88 -6.11 1.40
N PRO B 43 14.95 -6.63 0.15
CA PRO B 43 14.80 -8.01 -0.27
C PRO B 43 16.17 -8.62 -0.57
N GLN B 44 17.01 -8.74 0.44
CA GLN B 44 18.40 -9.12 0.24
C GLN B 44 18.73 -10.34 1.08
N THR B 45 20.01 -10.70 1.05
CA THR B 45 20.55 -11.79 1.83
C THR B 45 21.86 -11.30 2.42
N HIS B 46 22.55 -12.21 3.13
CA HIS B 46 23.84 -11.87 3.73
C HIS B 46 24.81 -11.27 2.72
N VAL B 47 24.63 -11.57 1.42
CA VAL B 47 25.64 -11.09 0.47
C VAL B 47 25.69 -9.57 0.37
N MET B 48 24.66 -8.83 0.82
CA MET B 48 24.73 -7.36 0.77
C MET B 48 25.89 -6.77 1.54
N TRP B 49 26.53 -7.54 2.42
CA TRP B 49 27.68 -7.05 3.16
C TRP B 49 29.00 -7.29 2.43
N HIS B 50 28.96 -7.75 1.17
CA HIS B 50 30.21 -8.26 0.55
C HIS B 50 31.23 -7.15 0.30
N ARG B 51 30.81 -5.90 0.18
CA ARG B 51 31.77 -4.83 -0.07
C ARG B 51 32.38 -4.25 1.21
N VAL B 52 31.76 -4.46 2.37
CA VAL B 52 32.32 -3.94 3.62
C VAL B 52 32.86 -5.04 4.52
N ALA B 53 32.48 -6.30 4.32
CA ALA B 53 32.93 -7.36 5.23
C ALA B 53 34.45 -7.54 5.22
N PRO B 54 35.15 -7.43 4.10
CA PRO B 54 36.64 -7.56 4.16
C PRO B 54 37.30 -6.57 5.11
N LYS B 55 36.96 -5.29 5.00
CA LYS B 55 37.54 -4.29 5.89
C LYS B 55 37.20 -4.55 7.35
N LEU B 56 35.98 -5.00 7.62
CA LEU B 56 35.64 -5.35 9.00
C LEU B 56 36.45 -6.54 9.48
N ALA B 57 36.68 -7.52 8.60
CA ALA B 57 37.40 -8.71 8.99
C ALA B 57 38.88 -8.45 9.20
N GLU B 58 39.35 -7.23 8.93
CA GLU B 58 40.72 -6.86 9.29
C GLU B 58 40.88 -6.72 10.79
N ARG B 59 39.78 -6.48 11.50
CA ARG B 59 39.85 -6.22 12.93
C ARG B 59 38.92 -7.09 13.75
N PHE B 60 37.95 -7.78 13.15
CA PHE B 60 36.93 -8.52 13.88
C PHE B 60 36.75 -9.90 13.29
N LYS B 61 36.22 -10.81 14.10
CA LYS B 61 35.64 -12.04 13.57
C LYS B 61 34.23 -11.70 13.09
N VAL B 62 34.02 -11.81 11.78
CA VAL B 62 32.80 -11.30 11.14
C VAL B 62 31.91 -12.47 10.79
N ILE B 63 30.67 -12.44 11.28
CA ILE B 63 29.68 -13.48 11.04
C ILE B 63 28.56 -12.82 10.25
N VAL B 64 28.37 -13.28 9.01
CA VAL B 64 27.45 -12.63 8.07
C VAL B 64 26.30 -13.60 7.84
N ALA B 65 25.18 -13.39 8.55
CA ALA B 65 24.15 -14.40 8.66
C ALA B 65 22.93 -14.10 7.80
N ASP B 66 22.33 -15.14 7.24
CA ASP B 66 20.99 -14.99 6.66
C ASP B 66 19.97 -14.98 7.78
N LEU B 67 19.03 -14.01 7.74
CA LEU B 67 17.98 -13.96 8.74
C LEU B 67 17.18 -15.26 8.72
N PRO B 68 16.53 -15.60 9.85
CA PRO B 68 15.57 -16.70 9.88
C PRO B 68 14.61 -16.64 8.70
N GLY B 69 14.57 -17.72 7.91
CA GLY B 69 13.69 -17.77 6.74
C GLY B 69 14.20 -17.10 5.48
N TYR B 70 15.34 -16.44 5.53
CA TYR B 70 15.88 -15.73 4.38
C TYR B 70 17.08 -16.48 3.83
N GLY B 71 17.31 -16.33 2.53
CA GLY B 71 18.55 -16.80 1.94
C GLY B 71 18.66 -18.31 2.01
N TRP B 72 19.71 -18.79 2.66
CA TRP B 72 19.90 -20.23 2.86
C TRP B 72 19.52 -20.67 4.27
N SER B 73 19.09 -19.76 5.13
CA SER B 73 18.62 -20.19 6.43
C SER B 73 17.32 -20.96 6.29
N ASP B 74 17.10 -21.87 7.22
CA ASP B 74 15.87 -22.63 7.23
C ASP B 74 14.66 -21.73 7.46
N MET B 75 13.50 -22.22 7.05
CA MET B 75 12.24 -21.48 7.18
C MET B 75 11.36 -22.12 8.24
N PRO B 76 11.38 -21.64 9.49
CA PRO B 76 10.49 -22.20 10.50
C PRO B 76 9.04 -21.99 10.11
N GLU B 77 8.17 -22.91 10.54
CA GLU B 77 6.76 -22.81 10.21
C GLU B 77 6.14 -21.62 10.95
N SER B 78 5.38 -20.79 10.22
CA SER B 78 4.79 -19.63 10.86
C SER B 78 3.48 -20.02 11.55
N ASP B 79 2.79 -19.03 12.10
CA ASP B 79 1.50 -19.25 12.75
C ASP B 79 0.65 -18.00 12.54
N GLU B 80 -0.53 -17.98 13.18
CA GLU B 80 -1.48 -16.90 13.00
C GLU B 80 -0.95 -15.55 13.48
N GLN B 81 0.04 -15.54 14.38
CA GLN B 81 0.63 -14.29 14.85
C GLN B 81 2.00 -14.04 14.24
N HIS B 82 2.37 -14.82 13.22
CA HIS B 82 3.63 -14.65 12.49
C HIS B 82 4.83 -14.76 13.41
N THR B 83 4.70 -15.56 14.48
CA THR B 83 5.66 -15.51 15.58
C THR B 83 7.11 -15.67 15.15
N PRO B 84 7.51 -16.68 14.35
CA PRO B 84 8.95 -16.85 14.11
C PRO B 84 9.54 -15.74 13.29
N TYR B 85 8.72 -14.91 12.65
CA TYR B 85 9.25 -13.81 11.87
C TYR B 85 9.07 -12.46 12.57
N THR B 86 8.60 -12.48 13.82
CA THR B 86 8.70 -11.29 14.67
C THR B 86 10.17 -11.03 14.96
N LYS B 87 10.50 -9.75 15.15
CA LYS B 87 11.89 -9.45 15.42
C LYS B 87 12.30 -9.98 16.79
N ARG B 88 11.36 -10.05 17.73
CA ARG B 88 11.68 -10.66 19.03
C ARG B 88 12.09 -12.11 18.87
N ALA B 89 11.31 -12.89 18.12
CA ALA B 89 11.65 -14.29 17.92
C ALA B 89 12.94 -14.43 17.08
N MET B 90 13.06 -13.68 15.97
CA MET B 90 14.30 -13.73 15.19
C MET B 90 15.53 -13.45 16.07
N ALA B 91 15.43 -12.46 16.96
CA ALA B 91 16.56 -12.13 17.83
C ALA B 91 16.89 -13.30 18.76
N LYS B 92 15.86 -13.94 19.34
CA LYS B 92 16.11 -15.12 20.17
C LYS B 92 16.82 -16.21 19.38
N GLN B 93 16.40 -16.43 18.12
CA GLN B 93 16.99 -17.48 17.30
C GLN B 93 18.45 -17.18 17.00
N LEU B 94 18.74 -15.91 16.69
CA LEU B 94 20.11 -15.51 16.41
C LEU B 94 20.96 -15.53 17.68
N ILE B 95 20.37 -15.25 18.84
CA ILE B 95 21.11 -15.43 20.11
C ILE B 95 21.50 -16.90 20.28
N GLU B 96 20.58 -17.83 19.98
CA GLU B 96 20.94 -19.26 20.03
C GLU B 96 22.07 -19.59 19.06
N ALA B 97 22.01 -19.06 17.83
CA ALA B 97 23.06 -19.35 16.83
C ALA B 97 24.41 -18.85 17.31
N MET B 98 24.44 -17.63 17.86
CA MET B 98 25.71 -17.12 18.36
C MET B 98 26.22 -17.96 19.53
N GLU B 99 25.33 -18.49 20.38
CA GLU B 99 25.80 -19.38 21.47
C GLU B 99 26.46 -20.65 20.94
N GLN B 100 26.02 -21.16 19.78
CA GLN B 100 26.64 -22.34 19.19
C GLN B 100 28.09 -22.07 18.84
N LEU B 101 28.43 -20.83 18.56
CA LEU B 101 29.81 -20.41 18.29
C LEU B 101 30.54 -19.98 19.56
N GLY B 102 29.87 -20.05 20.71
CA GLY B 102 30.45 -19.53 21.95
C GLY B 102 30.51 -18.02 22.07
N HIS B 103 29.65 -17.29 21.35
CA HIS B 103 29.57 -15.84 21.43
C HIS B 103 28.32 -15.47 22.22
N VAL B 104 28.51 -15.02 23.46
CA VAL B 104 27.42 -14.52 24.31
C VAL B 104 27.50 -13.02 24.54
N HIS B 105 28.52 -12.34 24.02
CA HIS B 105 28.61 -10.89 24.11
C HIS B 105 29.35 -10.46 22.85
N PHE B 106 28.65 -9.77 21.94
CA PHE B 106 29.20 -9.53 20.62
C PHE B 106 28.74 -8.16 20.13
N ALA B 107 29.41 -7.70 19.08
CA ALA B 107 29.01 -6.49 18.36
C ALA B 107 28.03 -6.90 17.27
N LEU B 108 27.09 -5.98 16.99
CA LEU B 108 26.02 -6.24 16.01
C LEU B 108 25.78 -5.02 15.15
N ALA B 109 25.72 -5.24 13.83
CA ALA B 109 25.28 -4.19 12.91
C ALA B 109 24.20 -4.80 12.04
N GLY B 110 23.10 -4.09 11.87
CA GLY B 110 22.01 -4.54 11.02
C GLY B 110 21.58 -3.46 10.05
N HIS B 111 20.95 -3.92 8.95
CA HIS B 111 20.40 -3.05 7.92
C HIS B 111 18.95 -3.44 7.68
N ASP B 112 18.05 -2.45 7.52
CA ASP B 112 16.63 -2.73 7.12
C ASP B 112 16.03 -3.75 8.10
N ARG B 113 15.40 -4.85 7.66
CA ARG B 113 14.77 -5.77 8.62
C ARG B 113 15.76 -6.25 9.67
N GLY B 114 17.00 -6.47 9.25
CA GLY B 114 18.02 -6.96 10.17
C GLY B 114 18.39 -5.94 11.22
N ALA B 115 18.26 -4.66 10.92
CA ALA B 115 18.45 -3.65 11.96
C ALA B 115 17.28 -3.64 12.94
N ARG B 116 16.09 -4.08 12.49
CA ARG B 116 14.96 -4.19 13.41
C ARG B 116 15.17 -5.39 14.35
N VAL B 117 15.62 -6.53 13.82
CA VAL B 117 16.09 -7.61 14.69
C VAL B 117 17.08 -7.06 15.71
N SER B 118 18.01 -6.22 15.25
CA SER B 118 19.12 -5.79 16.11
C SER B 118 18.65 -4.90 17.25
N TYR B 119 17.83 -3.87 16.97
CA TYR B 119 17.44 -3.02 18.10
C TYR B 119 16.46 -3.77 19.02
N ARG B 120 15.62 -4.66 18.48
CA ARG B 120 14.78 -5.47 19.36
C ARG B 120 15.64 -6.38 20.24
N LEU B 121 16.71 -6.96 19.66
CA LEU B 121 17.65 -7.75 20.46
C LEU B 121 18.23 -6.89 21.57
N ALA B 122 18.60 -5.66 21.27
CA ALA B 122 19.19 -4.75 22.26
C ALA B 122 18.19 -4.42 23.37
N LEU B 123 16.90 -4.28 23.03
CA LEU B 123 15.90 -3.97 24.05
C LEU B 123 15.61 -5.17 24.93
N ASP B 124 15.53 -6.37 24.32
CA ASP B 124 15.15 -7.58 25.05
C ASP B 124 16.30 -8.15 25.85
N SER B 125 17.51 -8.06 25.31
CA SER B 125 18.68 -8.80 25.82
C SER B 125 19.94 -7.95 25.71
N PRO B 126 19.97 -6.78 26.35
CA PRO B 126 21.09 -5.85 26.14
C PRO B 126 22.44 -6.43 26.55
N GLY B 127 22.45 -7.40 27.49
CA GLY B 127 23.70 -7.99 27.95
C GLY B 127 24.39 -8.77 26.87
N ARG B 128 23.69 -9.09 25.78
CA ARG B 128 24.31 -9.80 24.69
C ARG B 128 25.21 -8.92 23.84
N LEU B 129 25.08 -7.59 23.91
CA LEU B 129 25.69 -6.72 22.93
C LEU B 129 26.72 -5.80 23.56
N SER B 130 27.89 -5.73 22.94
CA SER B 130 28.86 -4.74 23.36
C SER B 130 28.56 -3.38 22.74
N LYS B 131 28.22 -3.38 21.44
CA LYS B 131 27.91 -2.18 20.69
C LYS B 131 26.91 -2.56 19.60
N LEU B 132 26.10 -1.59 19.18
CA LEU B 132 25.04 -1.84 18.19
C LEU B 132 25.09 -0.77 17.11
N ALA B 133 25.01 -1.18 15.83
CA ALA B 133 24.83 -0.24 14.74
C ALA B 133 23.58 -0.57 13.94
N VAL B 134 22.80 0.44 13.61
CA VAL B 134 21.59 0.27 12.80
C VAL B 134 21.71 1.15 11.57
N LEU B 135 21.38 0.60 10.41
CA LEU B 135 21.59 1.26 9.12
C LEU B 135 20.26 1.53 8.41
N ASP B 136 19.99 2.82 8.21
CA ASP B 136 18.86 3.37 7.44
C ASP B 136 17.51 2.89 7.96
N ILE B 137 17.33 2.91 9.29
CA ILE B 137 16.02 2.64 9.88
C ILE B 137 15.73 3.62 11.01
N LEU B 138 14.43 3.73 11.33
CA LEU B 138 13.92 4.18 12.61
C LEU B 138 13.15 3.01 13.20
N PRO B 139 12.81 3.02 14.50
CA PRO B 139 12.02 1.92 15.07
C PRO B 139 10.69 1.75 14.34
N THR B 140 10.25 0.48 14.28
CA THR B 140 8.98 0.15 13.63
C THR B 140 7.82 0.96 14.20
N TYR B 141 7.77 1.13 15.51
CA TYR B 141 6.75 2.02 16.09
C TYR B 141 6.80 3.42 15.47
N GLU B 142 8.00 3.98 15.27
CA GLU B 142 8.09 5.34 14.76
C GLU B 142 7.59 5.43 13.32
N TYR B 143 7.93 4.43 12.49
N TYR B 143 7.87 4.41 12.51
CA TYR B 143 7.41 4.40 11.13
CA TYR B 143 7.42 4.50 11.13
C TYR B 143 5.89 4.43 11.13
C TYR B 143 5.90 4.32 11.02
N TRP B 144 5.28 3.58 11.95
CA TRP B 144 3.83 3.52 11.94
C TRP B 144 3.20 4.79 12.52
N GLN B 145 3.81 5.37 13.57
CA GLN B 145 3.26 6.61 14.11
C GLN B 145 3.33 7.75 13.09
N ARG B 146 4.29 7.69 12.18
N ARG B 146 4.31 7.69 12.19
CA ARG B 146 4.47 8.66 11.10
CA ARG B 146 4.52 8.64 11.09
C ARG B 146 3.70 8.31 9.83
C ARG B 146 3.67 8.35 9.85
N MET B 147 2.73 7.41 9.92
CA MET B 147 2.04 6.87 8.72
C MET B 147 0.92 7.78 8.19
N ASN B 148 1.31 8.88 7.57
CA ASN B 148 0.36 9.81 6.97
C ASN B 148 0.31 9.53 5.46
N ARG B 149 -0.31 10.43 4.69
CA ARG B 149 -0.39 10.23 3.25
C ARG B 149 1.00 10.12 2.63
N ALA B 150 1.91 11.05 2.95
CA ALA B 150 3.23 11.02 2.32
C ALA B 150 3.93 9.71 2.59
N TYR B 151 3.86 9.21 3.82
CA TYR B 151 4.59 8.00 4.17
C TYR B 151 3.90 6.76 3.64
N ALA B 152 2.56 6.76 3.63
CA ALA B 152 1.84 5.61 3.08
C ALA B 152 2.21 5.40 1.63
N LEU B 153 2.43 6.48 0.91
CA LEU B 153 2.88 6.37 -0.48
C LEU B 153 4.34 5.92 -0.55
N LYS B 154 5.22 6.50 0.28
CA LYS B 154 6.65 6.17 0.21
C LYS B 154 6.93 4.74 0.63
N ILE B 155 6.31 4.30 1.72
CA ILE B 155 6.59 2.95 2.19
C ILE B 155 5.32 2.14 2.09
N TYR B 156 4.71 2.17 0.90
CA TYR B 156 3.48 1.42 0.64
C TYR B 156 3.66 -0.08 0.94
N HIS B 157 4.88 -0.62 0.76
CA HIS B 157 5.03 -2.06 0.85
C HIS B 157 4.87 -2.56 2.28
N TRP B 158 5.04 -1.67 3.28
CA TRP B 158 4.72 -2.04 4.66
C TRP B 158 3.25 -2.42 4.84
N SER B 159 2.34 -1.80 4.08
CA SER B 159 0.93 -2.16 4.17
C SER B 159 0.54 -3.19 3.14
N PHE B 160 1.17 -3.17 1.97
CA PHE B 160 0.83 -4.12 0.92
C PHE B 160 1.28 -5.53 1.29
N LEU B 161 2.55 -5.69 1.71
CA LEU B 161 3.06 -7.01 2.04
C LEU B 161 2.47 -7.54 3.33
N ALA B 162 1.84 -6.68 4.14
CA ALA B 162 1.20 -7.12 5.38
C ALA B 162 -0.26 -7.48 5.18
N GLN B 163 -0.77 -7.39 3.96
CA GLN B 163 -2.16 -7.79 3.74
C GLN B 163 -2.30 -9.29 4.00
N PRO B 164 -3.47 -9.77 4.41
CA PRO B 164 -3.59 -11.20 4.71
C PRO B 164 -3.25 -12.07 3.50
N ALA B 165 -2.55 -13.16 3.78
CA ALA B 165 -2.30 -14.16 2.76
C ALA B 165 -3.61 -14.68 2.17
N PRO B 166 -3.65 -14.99 0.87
CA PRO B 166 -2.53 -14.97 -0.08
C PRO B 166 -2.43 -13.74 -0.96
N LEU B 167 -2.95 -12.60 -0.55
CA LEU B 167 -3.01 -11.47 -1.49
C LEU B 167 -1.65 -11.08 -2.04
N PRO B 168 -0.65 -10.73 -1.22
CA PRO B 168 0.64 -10.33 -1.83
C PRO B 168 1.35 -11.53 -2.43
N GLU B 169 1.23 -12.71 -1.83
CA GLU B 169 1.86 -13.91 -2.40
C GLU B 169 1.36 -14.15 -3.83
N ASN B 170 0.05 -14.01 -4.04
CA ASN B 170 -0.49 -14.23 -5.37
C ASN B 170 0.04 -13.20 -6.35
N LEU B 171 0.07 -11.92 -5.94
CA LEU B 171 0.49 -10.88 -6.88
C LEU B 171 1.97 -10.99 -7.21
N LEU B 172 2.80 -11.38 -6.24
CA LEU B 172 4.24 -11.46 -6.45
C LEU B 172 4.62 -12.65 -7.33
N GLY B 173 3.75 -13.65 -7.47
CA GLY B 173 4.14 -14.84 -8.23
C GLY B 173 4.24 -14.63 -9.73
N GLY B 174 3.58 -13.62 -10.29
CA GLY B 174 3.53 -13.48 -11.74
C GLY B 174 4.88 -13.11 -12.33
N ASP B 175 5.57 -12.17 -11.70
CA ASP B 175 6.84 -11.65 -12.22
C ASP B 175 7.71 -11.25 -11.03
N PRO B 176 8.20 -12.24 -10.28
CA PRO B 176 8.99 -11.91 -9.08
C PRO B 176 10.27 -11.19 -9.42
N ASP B 177 10.90 -11.50 -10.57
CA ASP B 177 12.17 -10.84 -10.88
C ASP B 177 11.98 -9.35 -11.01
N PHE B 178 10.88 -8.93 -11.64
CA PHE B 178 10.60 -7.51 -11.77
C PHE B 178 10.49 -6.84 -10.41
N TYR B 179 9.78 -7.48 -9.49
CA TYR B 179 9.50 -6.81 -8.22
C TYR B 179 10.76 -6.63 -7.41
N VAL B 180 11.56 -7.67 -7.30
CA VAL B 180 12.78 -7.56 -6.49
C VAL B 180 13.72 -6.56 -7.10
N LYS B 181 13.82 -6.55 -8.43
CA LYS B 181 14.72 -5.59 -9.06
C LYS B 181 14.20 -4.18 -8.91
N ALA B 182 12.89 -4.01 -8.98
CA ALA B 182 12.37 -2.66 -8.86
C ALA B 182 12.55 -2.14 -7.45
N LYS B 183 12.43 -3.01 -6.44
CA LYS B 183 12.71 -2.60 -5.06
C LYS B 183 14.17 -2.20 -4.93
N LEU B 184 15.08 -3.07 -5.38
CA LEU B 184 16.50 -2.76 -5.27
C LEU B 184 16.78 -1.40 -5.88
N ALA B 185 16.29 -1.17 -7.10
CA ALA B 185 16.61 0.07 -7.80
C ALA B 185 15.91 1.27 -7.17
N SER B 186 14.64 1.13 -6.81
CA SER B 186 13.90 2.35 -6.51
C SER B 186 14.38 2.99 -5.22
N TRP B 187 15.04 2.20 -4.35
CA TRP B 187 15.48 2.71 -3.06
C TRP B 187 16.92 3.26 -3.06
N THR B 188 17.63 3.20 -4.19
CA THR B 188 18.99 3.74 -4.32
C THR B 188 18.97 5.21 -4.71
N ARG B 189 20.11 5.87 -4.52
CA ARG B 189 20.27 7.23 -5.04
C ARG B 189 20.18 7.24 -6.57
N ALA B 190 20.79 6.26 -7.23
CA ALA B 190 20.82 6.31 -8.69
C ALA B 190 19.47 6.02 -9.32
N GLY B 191 18.61 5.26 -8.64
CA GLY B 191 17.34 4.83 -9.19
C GLY B 191 17.41 3.70 -10.19
N ASP B 192 18.57 3.09 -10.38
CA ASP B 192 18.69 1.91 -11.22
C ASP B 192 19.51 0.89 -10.45
N LEU B 193 19.98 -0.15 -11.11
CA LEU B 193 20.71 -1.21 -10.41
C LEU B 193 22.22 -0.99 -10.43
N SER B 194 22.68 0.19 -10.86
CA SER B 194 24.11 0.33 -11.10
C SER B 194 24.95 0.32 -9.82
N ALA B 195 24.37 0.62 -8.65
CA ALA B 195 25.18 0.56 -7.44
C ALA B 195 25.46 -0.87 -6.97
N PHE B 196 24.75 -1.86 -7.50
CA PHE B 196 24.91 -3.23 -7.04
C PHE B 196 25.86 -4.00 -7.95
N ASP B 197 26.57 -4.94 -7.34
CA ASP B 197 27.30 -5.94 -8.11
C ASP B 197 26.29 -6.87 -8.77
N PRO B 198 26.37 -7.09 -10.08
CA PRO B 198 25.41 -7.99 -10.74
C PRO B 198 25.34 -9.36 -10.11
N ARG B 199 26.46 -9.88 -9.58
CA ARG B 199 26.45 -11.16 -8.90
C ARG B 199 25.65 -11.11 -7.61
N ALA B 200 25.67 -9.95 -6.93
CA ALA B 200 24.85 -9.78 -5.74
C ALA B 200 23.37 -9.75 -6.11
N VAL B 201 23.04 -8.99 -7.16
CA VAL B 201 21.66 -8.94 -7.63
C VAL B 201 21.15 -10.34 -7.94
N GLU B 202 22.01 -11.19 -8.51
CA GLU B 202 21.55 -12.54 -8.85
C GLU B 202 21.26 -13.36 -7.59
N HIS B 203 22.07 -13.20 -6.54
CA HIS B 203 21.73 -13.79 -5.24
C HIS B 203 20.35 -13.34 -4.78
N TYR B 204 20.09 -12.03 -4.83
CA TYR B 204 18.79 -11.55 -4.37
C TYR B 204 17.66 -12.07 -5.27
N ARG B 205 17.88 -12.11 -6.60
CA ARG B 205 16.84 -12.59 -7.51
C ARG B 205 16.53 -14.07 -7.27
N ILE B 206 17.57 -14.89 -7.07
CA ILE B 206 17.35 -16.32 -6.92
C ILE B 206 16.56 -16.60 -5.65
N ALA B 207 16.89 -15.91 -4.55
CA ALA B 207 16.10 -16.07 -3.33
C ALA B 207 14.65 -15.66 -3.54
N PHE B 208 14.44 -14.51 -4.17
CA PHE B 208 13.09 -13.99 -4.35
C PHE B 208 12.28 -14.83 -5.34
N ALA B 209 12.95 -15.63 -6.16
CA ALA B 209 12.25 -16.46 -7.14
C ALA B 209 11.50 -17.63 -6.48
N ASP B 210 11.83 -17.97 -5.24
CA ASP B 210 11.21 -19.09 -4.55
C ASP B 210 9.94 -18.65 -3.83
N PRO B 211 8.77 -19.22 -4.15
CA PRO B 211 7.55 -18.76 -3.45
C PRO B 211 7.61 -18.93 -1.94
N MET B 212 8.28 -19.97 -1.44
CA MET B 212 8.38 -20.14 0.01
C MET B 212 9.17 -19.00 0.65
N ARG B 213 10.21 -18.54 -0.04
CA ARG B 213 10.99 -17.40 0.45
C ARG B 213 10.17 -16.13 0.44
N ARG B 214 9.37 -15.92 -0.62
CA ARG B 214 8.53 -14.73 -0.64
C ARG B 214 7.49 -14.76 0.47
N HIS B 215 6.91 -15.94 0.75
CA HIS B 215 5.92 -16.03 1.82
C HIS B 215 6.55 -15.62 3.14
N VAL B 216 7.80 -16.05 3.40
CA VAL B 216 8.51 -15.63 4.61
C VAL B 216 8.60 -14.11 4.68
N MET B 217 8.99 -13.46 3.57
CA MET B 217 9.07 -12.01 3.56
C MET B 217 7.73 -11.38 3.93
N CYS B 218 6.65 -11.90 3.39
CA CYS B 218 5.34 -11.35 3.75
C CYS B 218 5.04 -11.56 5.23
N GLU B 219 5.41 -12.73 5.79
CA GLU B 219 5.23 -12.96 7.24
C GLU B 219 6.04 -11.99 8.07
N ASP B 220 7.23 -11.62 7.60
CA ASP B 220 8.05 -10.59 8.23
C ASP B 220 7.33 -9.24 8.25
N PHE B 221 6.72 -8.85 7.12
CA PHE B 221 6.00 -7.58 7.12
C PHE B 221 4.68 -7.67 7.87
N ARG B 222 4.04 -8.83 7.91
CA ARG B 222 2.87 -8.99 8.77
C ARG B 222 3.26 -8.85 10.24
N ALA B 223 4.34 -9.51 10.65
CA ALA B 223 4.83 -9.27 12.01
C ALA B 223 5.12 -7.80 12.22
N GLY B 224 5.66 -7.12 11.19
CA GLY B 224 6.04 -5.71 11.33
C GLY B 224 4.86 -4.80 11.54
N ALA B 225 3.70 -5.18 11.02
CA ALA B 225 2.47 -4.42 11.19
C ALA B 225 1.76 -4.71 12.48
N TYR B 226 2.04 -5.86 13.09
CA TYR B 226 1.25 -6.33 14.23
C TYR B 226 2.13 -6.56 15.45
N ALA B 227 2.63 -7.77 15.69
CA ALA B 227 3.35 -8.03 16.95
C ALA B 227 4.57 -7.10 17.14
N ASP B 228 5.34 -6.83 16.07
CA ASP B 228 6.53 -6.00 16.23
C ASP B 228 6.15 -4.60 16.68
N PHE B 229 5.07 -4.06 16.09
CA PHE B 229 4.55 -2.77 16.50
C PHE B 229 4.15 -2.78 17.98
N GLU B 230 3.43 -3.82 18.40
CA GLU B 230 2.97 -3.89 19.78
C GLU B 230 4.14 -4.04 20.75
N HIS B 231 5.15 -4.84 20.38
CA HIS B 231 6.32 -4.93 21.25
C HIS B 231 6.98 -3.57 21.38
N ASP B 232 7.15 -2.85 20.28
CA ASP B 232 7.75 -1.54 20.36
C ASP B 232 6.90 -0.58 21.20
N LYS B 233 5.58 -0.66 21.03
CA LYS B 233 4.67 0.23 21.77
C LYS B 233 4.85 0.05 23.28
N ILE B 234 5.00 -1.20 23.75
CA ILE B 234 5.25 -1.42 25.18
C ILE B 234 6.49 -0.64 25.63
N ASP B 235 7.59 -0.74 24.89
CA ASP B 235 8.81 -0.05 25.31
C ASP B 235 8.63 1.47 25.31
N VAL B 236 8.00 2.02 24.27
CA VAL B 236 7.72 3.46 24.25
C VAL B 236 6.88 3.86 25.46
N GLU B 237 5.79 3.13 25.68
CA GLU B 237 4.89 3.49 26.75
C GLU B 237 5.53 3.36 28.13
N ALA B 238 6.57 2.51 28.26
CA ALA B 238 7.31 2.34 29.52
C ALA B 238 8.51 3.28 29.63
N GLY B 239 8.86 4.01 28.57
CA GLY B 239 10.06 4.82 28.60
C GLY B 239 11.33 4.03 28.57
N ASN B 240 11.31 2.83 27.98
CA ASN B 240 12.48 1.96 27.96
C ASN B 240 13.42 2.40 26.85
N LYS B 241 14.69 2.58 27.18
CA LYS B 241 15.70 2.98 26.22
C LYS B 241 16.78 1.91 26.14
N ILE B 242 17.35 1.77 24.95
CA ILE B 242 18.52 0.91 24.73
C ILE B 242 19.73 1.45 25.47
N PRO B 243 20.34 0.65 26.39
CA PRO B 243 21.53 1.10 27.11
C PRO B 243 22.85 0.84 26.39
N VAL B 244 22.80 -0.05 25.40
CA VAL B 244 23.98 -0.45 24.62
C VAL B 244 24.48 0.75 23.83
N PRO B 245 25.77 1.09 23.89
CA PRO B 245 26.33 2.09 22.97
C PRO B 245 25.98 1.81 21.51
N MET B 246 25.50 2.83 20.83
CA MET B 246 24.80 2.63 19.57
C MET B 246 25.23 3.67 18.53
N LEU B 247 25.27 3.22 17.27
CA LEU B 247 25.47 4.06 16.10
C LEU B 247 24.27 3.93 15.18
N ALA B 248 23.69 5.06 14.75
CA ALA B 248 22.67 5.08 13.70
C ALA B 248 23.26 5.75 12.48
N LEU B 249 23.35 5.00 11.37
CA LEU B 249 23.75 5.56 10.08
C LEU B 249 22.53 5.57 9.18
N TRP B 250 22.43 6.61 8.34
CA TRP B 250 21.28 6.66 7.44
C TRP B 250 21.71 7.30 6.13
N GLY B 251 20.94 6.99 5.07
CA GLY B 251 21.24 7.53 3.75
C GLY B 251 20.66 8.92 3.63
N ALA B 252 21.46 9.85 3.10
CA ALA B 252 20.93 11.19 2.90
C ALA B 252 19.75 11.17 1.93
N SER B 253 19.73 10.19 1.02
CA SER B 253 18.62 9.94 0.10
C SER B 253 17.82 8.69 0.49
N GLY B 254 17.86 8.28 1.76
CA GLY B 254 17.37 6.98 2.17
C GLY B 254 15.92 7.00 2.64
N ILE B 255 15.51 5.89 3.27
CA ILE B 255 14.13 5.75 3.74
C ILE B 255 13.94 6.40 5.11
N ALA B 256 14.86 6.13 6.07
CA ALA B 256 14.71 6.63 7.44
C ALA B 256 14.54 8.15 7.50
N GLN B 257 15.20 8.88 6.60
CA GLN B 257 15.23 10.36 6.56
C GLN B 257 13.86 11.01 6.85
N THR B 261 14.30 13.47 11.35
CA THR B 261 15.67 13.73 11.83
C THR B 261 16.15 12.55 12.69
N PRO B 262 16.95 11.66 12.10
CA PRO B 262 17.03 10.30 12.65
C PRO B 262 17.79 10.20 13.96
N LEU B 263 18.86 10.97 14.14
CA LEU B 263 19.55 10.96 15.42
C LEU B 263 18.64 11.44 16.54
N ASP B 264 17.81 12.45 16.25
CA ASP B 264 16.85 12.89 17.25
C ASP B 264 15.86 11.78 17.61
N VAL B 265 15.39 11.02 16.62
CA VAL B 265 14.49 9.91 16.91
C VAL B 265 15.18 8.87 17.78
N TRP B 266 16.41 8.51 17.42
CA TRP B 266 17.07 7.42 18.13
C TRP B 266 17.42 7.83 19.56
N ARG B 267 17.69 9.12 19.79
CA ARG B 267 17.99 9.54 21.16
C ARG B 267 16.79 9.39 22.08
N LYS B 268 15.58 9.32 21.52
CA LYS B 268 14.40 8.99 22.32
C LYS B 268 14.35 7.50 22.68
N TRP B 269 15.10 6.66 21.96
CA TRP B 269 15.06 5.22 22.09
C TRP B 269 16.33 4.63 22.70
N ALA B 270 17.35 5.45 22.94
CA ALA B 270 18.68 4.95 23.27
C ALA B 270 19.39 6.01 24.09
N SER B 271 19.99 5.58 25.19
CA SER B 271 20.65 6.54 26.07
C SER B 271 22.08 6.86 25.66
N ASP B 272 22.65 6.14 24.69
CA ASP B 272 24.03 6.43 24.32
C ASP B 272 24.18 6.16 22.81
N VAL B 273 23.81 7.15 22.00
CA VAL B 273 23.78 6.95 20.56
C VAL B 273 24.48 8.10 19.84
N GLN B 274 25.27 7.75 18.84
CA GLN B 274 25.83 8.70 17.89
C GLN B 274 25.32 8.33 16.51
N GLY B 275 25.50 9.24 15.56
CA GLY B 275 24.88 9.04 14.25
C GLY B 275 25.49 9.94 13.19
N ALA B 276 25.20 9.61 11.93
CA ALA B 276 25.69 10.40 10.81
C ALA B 276 24.96 10.02 9.54
N PRO B 277 24.70 10.98 8.65
CA PRO B 277 24.25 10.65 7.30
C PRO B 277 25.43 10.23 6.43
N ILE B 278 25.12 9.40 5.45
CA ILE B 278 26.04 8.94 4.42
C ILE B 278 25.41 9.32 3.10
N GLU B 279 26.19 9.86 2.16
CA GLU B 279 25.59 10.24 0.90
C GLU B 279 25.33 8.96 0.14
N SER B 280 24.06 8.55 0.12
CA SER B 280 23.68 7.20 -0.27
C SER B 280 22.16 7.15 -0.27
N GLY B 281 21.58 6.25 -1.08
CA GLY B 281 20.21 5.83 -0.86
C GLY B 281 20.11 4.84 0.29
N HIS B 282 19.10 3.98 0.27
CA HIS B 282 18.81 3.05 1.36
C HIS B 282 19.94 2.07 1.61
N PHE B 283 20.62 1.62 0.54
CA PHE B 283 21.47 0.42 0.59
C PHE B 283 22.92 0.83 0.88
N LEU B 284 23.10 1.39 2.08
CA LEU B 284 24.40 1.96 2.48
C LEU B 284 25.59 1.06 2.17
N PRO B 285 25.61 -0.21 2.53
CA PRO B 285 26.85 -1.00 2.35
C PRO B 285 27.20 -1.27 0.91
N GLU B 286 26.28 -1.08 -0.02
CA GLU B 286 26.57 -1.30 -1.43
C GLU B 286 26.70 0.02 -2.19
N GLU B 287 25.90 1.03 -1.82
CA GLU B 287 25.97 2.31 -2.51
C GLU B 287 27.14 3.15 -2.02
N ALA B 288 27.50 3.03 -0.75
CA ALA B 288 28.59 3.82 -0.19
C ALA B 288 29.46 2.91 0.68
N PRO B 289 30.07 1.88 0.09
CA PRO B 289 30.81 0.92 0.92
C PRO B 289 31.99 1.55 1.66
N ASP B 290 32.67 2.54 1.07
CA ASP B 290 33.84 3.10 1.73
C ASP B 290 33.47 3.88 3.00
N GLN B 291 32.47 4.77 2.89
CA GLN B 291 32.07 5.54 4.07
C GLN B 291 31.38 4.66 5.11
N THR B 292 30.62 3.65 4.68
CA THR B 292 29.97 2.75 5.62
C THR B 292 30.99 1.93 6.38
N ALA B 293 31.95 1.34 5.66
CA ALA B 293 32.97 0.54 6.32
C ALA B 293 33.79 1.38 7.29
N GLU B 294 34.19 2.58 6.88
CA GLU B 294 34.98 3.43 7.77
C GLU B 294 34.21 3.76 9.04
N ALA B 295 32.93 4.11 8.90
CA ALA B 295 32.12 4.45 10.06
C ALA B 295 31.95 3.26 11.00
N LEU B 296 31.77 2.07 10.43
CA LEU B 296 31.59 0.89 11.26
C LEU B 296 32.90 0.49 11.95
N VAL B 297 34.03 0.52 11.22
CA VAL B 297 35.32 0.19 11.82
C VAL B 297 35.63 1.13 12.96
N ARG B 298 35.46 2.44 12.75
CA ARG B 298 35.75 3.41 13.80
C ARG B 298 34.86 3.20 15.02
N PHE B 299 33.57 2.90 14.78
CA PHE B 299 32.64 2.75 15.90
C PHE B 299 32.93 1.51 16.72
N PHE B 300 33.15 0.38 16.04
CA PHE B 300 33.31 -0.87 16.76
C PHE B 300 34.71 -1.01 17.37
N SER B 301 35.69 -0.24 16.89
CA SER B 301 37.06 -0.35 17.41
C SER B 301 37.17 0.21 18.83
N ALA B 302 36.49 1.32 19.11
CA ALA B 302 36.68 2.11 20.35
C ALA B 302 38.13 2.55 20.53
C GOA C . -13.01 4.45 -2.77
CA GOA C . -12.50 3.08 -2.28
O GOA C . -12.47 5.08 -3.74
OXT GOA C . -14.00 4.98 -2.18
O2 GOA C . -11.32 2.71 -2.95
#